data_4E6Y
#
_entry.id   4E6Y
#
_cell.length_a   109.717
_cell.length_b   109.717
_cell.length_c   153.649
_cell.angle_alpha   90.000
_cell.angle_beta   90.000
_cell.angle_gamma   120.000
#
_symmetry.space_group_name_H-M   'P 63 2 2'
#
loop_
_entity.id
_entity.type
_entity.pdbx_description
1 polymer 'Citrate synthase'
2 non-polymer 'FORMIC ACID'
3 water water
#
_entity_poly.entity_id   1
_entity_poly.type   'polypeptide(L)'
_entity_poly.pdbx_seq_one_letter_code
;SNA(MSE)ADKKATLHVEGKAPIELPI(MSE)EGSLGTPVIDVRKLGANGYFTFDPGFLATASCESQITYIDGGKGILLH
RGYPIDQLANNADYLEVCYILLYGEAPTREQYEKFKTTVTRHT(MSE)VHEQIASFFHGFRRDAHP(MSE)AV(MSE)CG
VVGALAAFYHDSLDINNDLHREITAYRLLSK(MSE)PTLAA(MSE)CYKYSTGQPFIYPRNDLSYAENFLH(MSE)
(MSE)FATPCEEYEVNPVVARA(MSE)DKIFTLHADHEQNASTSTVRLAGSSGANPFACIAAGIASLWGPAHGGANEACL
K(MSE)LEEIGSVDNIPEYVDRAKDKDDPFRL(MSE)GFGHRVYKNYDPRATV(MSE)RETCHEVLKELNIQDPLLDVA
(MSE)ELERIALSDEYFVSKKLYPNVDFYSGIILKAIGIPVS(MSE)FTVIFAISRTIGWIAHWNE(MSE)HSDPLNRIG
RPRQLYTGEVQRDFQP(MSE)HERE
;
_entity_poly.pdbx_strand_id   A
#
# COMPACT_ATOMS: atom_id res chain seq x y z
N ASP A 6 -20.10 5.85 -28.04
CA ASP A 6 -20.68 4.62 -28.66
C ASP A 6 -19.78 3.94 -29.70
N LYS A 7 -18.51 4.38 -29.76
CA LYS A 7 -17.50 3.81 -30.67
C LYS A 7 -17.24 2.30 -30.42
N LYS A 8 -16.51 1.71 -31.35
CA LYS A 8 -16.19 0.29 -31.36
C LYS A 8 -14.82 0.12 -32.01
N ALA A 9 -14.09 -0.90 -31.59
CA ALA A 9 -12.87 -1.32 -32.26
C ALA A 9 -13.22 -2.55 -33.04
N THR A 10 -12.50 -2.77 -34.14
CA THR A 10 -12.68 -4.02 -34.83
C THR A 10 -11.35 -4.74 -34.91
N LEU A 11 -11.45 -6.03 -34.66
CA LEU A 11 -10.34 -6.91 -34.65
C LEU A 11 -10.52 -7.88 -35.80
N HIS A 12 -9.52 -7.90 -36.67
CA HIS A 12 -9.56 -8.74 -37.85
C HIS A 12 -8.52 -9.78 -37.72
N VAL A 13 -8.80 -10.98 -38.22
CA VAL A 13 -7.80 -12.05 -38.22
C VAL A 13 -7.11 -12.26 -39.57
N GLU A 14 -7.62 -13.15 -40.41
CA GLU A 14 -7.01 -13.34 -41.74
C GLU A 14 -8.07 -13.63 -42.80
N GLY A 15 -8.91 -14.65 -42.53
CA GLY A 15 -10.05 -15.02 -43.36
C GLY A 15 -11.32 -15.15 -42.51
N LYS A 16 -11.26 -14.72 -41.25
CA LYS A 16 -12.46 -14.60 -40.40
C LYS A 16 -13.08 -13.18 -40.42
N ALA A 17 -14.38 -13.08 -40.14
CA ALA A 17 -15.08 -11.80 -40.16
C ALA A 17 -14.56 -10.85 -39.10
N PRO A 18 -14.72 -9.54 -39.34
CA PRO A 18 -14.38 -8.57 -38.30
C PRO A 18 -15.11 -8.88 -37.00
N ILE A 19 -14.40 -8.70 -35.89
CA ILE A 19 -14.93 -8.83 -34.55
C ILE A 19 -15.20 -7.42 -34.01
N GLU A 20 -16.38 -7.20 -33.45
CA GLU A 20 -16.74 -5.90 -32.90
C GLU A 20 -16.66 -5.84 -31.38
N LEU A 21 -15.76 -4.99 -30.87
CA LEU A 21 -15.54 -4.84 -29.42
C LEU A 21 -15.89 -3.45 -28.88
N PRO A 22 -16.87 -3.37 -27.98
CA PRO A 22 -17.23 -2.03 -27.43
C PRO A 22 -16.03 -1.27 -26.84
N ILE A 23 -16.00 0.04 -27.01
CA ILE A 23 -14.99 0.86 -26.39
C ILE A 23 -15.71 1.57 -25.26
N GLU A 25 -15.32 4.39 -21.98
CA GLU A 25 -14.54 5.51 -21.48
C GLU A 25 -14.95 5.80 -20.07
N GLY A 26 -14.00 6.26 -19.29
CA GLY A 26 -14.33 6.62 -17.94
C GLY A 26 -14.44 8.11 -17.83
N SER A 27 -14.67 8.57 -16.61
CA SER A 27 -14.65 9.98 -16.25
C SER A 27 -13.26 10.56 -16.58
N LEU A 28 -12.21 9.74 -16.48
CA LEU A 28 -10.84 10.17 -16.72
C LEU A 28 -10.00 9.01 -17.19
N GLY A 29 -8.91 9.32 -17.89
CA GLY A 29 -7.87 8.36 -18.21
C GLY A 29 -8.14 7.44 -19.36
N THR A 30 -7.34 6.38 -19.45
CA THR A 30 -7.25 5.55 -20.64
C THR A 30 -8.59 4.86 -20.98
N PRO A 31 -9.03 4.96 -22.24
CA PRO A 31 -10.21 4.19 -22.65
C PRO A 31 -9.88 2.70 -22.74
N VAL A 32 -10.92 1.86 -22.59
CA VAL A 32 -10.80 0.41 -22.58
C VAL A 32 -11.60 -0.31 -23.67
N ILE A 33 -10.99 -1.38 -24.17
CA ILE A 33 -11.60 -2.26 -25.14
C ILE A 33 -12.24 -3.47 -24.47
N ASP A 34 -13.56 -3.53 -24.54
CA ASP A 34 -14.32 -4.56 -23.85
C ASP A 34 -14.16 -5.92 -24.52
N VAL A 35 -13.40 -6.80 -23.87
CA VAL A 35 -13.18 -8.12 -24.43
C VAL A 35 -14.02 -9.22 -23.80
N ARG A 36 -15.08 -8.87 -23.05
CA ARG A 36 -15.81 -9.90 -22.31
C ARG A 36 -16.26 -11.05 -23.21
N LYS A 37 -16.47 -10.76 -24.49
CA LYS A 37 -17.03 -11.75 -25.41
C LYS A 37 -16.00 -12.28 -26.36
N LEU A 38 -14.75 -11.98 -26.10
CA LEU A 38 -13.71 -12.42 -27.01
C LEU A 38 -13.67 -13.95 -27.11
N GLY A 39 -14.00 -14.63 -26.01
CA GLY A 39 -13.80 -16.08 -25.90
C GLY A 39 -14.64 -16.85 -26.89
N ALA A 40 -15.91 -16.43 -26.99
CA ALA A 40 -16.84 -16.91 -28.00
C ALA A 40 -16.36 -16.80 -29.45
N ASN A 41 -15.45 -15.87 -29.72
CA ASN A 41 -14.86 -15.81 -31.06
C ASN A 41 -13.58 -16.64 -31.21
N GLY A 42 -13.16 -17.35 -30.14
CA GLY A 42 -12.08 -18.34 -30.23
C GLY A 42 -10.69 -17.85 -29.86
N TYR A 43 -10.63 -16.72 -29.15
CA TYR A 43 -9.37 -16.18 -28.66
C TYR A 43 -9.47 -15.78 -27.20
N PHE A 44 -8.34 -15.81 -26.50
CA PHE A 44 -8.17 -15.00 -25.29
C PHE A 44 -7.07 -13.99 -25.59
N THR A 45 -6.97 -12.97 -24.76
CA THR A 45 -5.80 -12.12 -24.82
C THR A 45 -4.63 -12.76 -24.06
N PHE A 46 -3.42 -12.30 -24.32
CA PHE A 46 -2.26 -12.69 -23.51
C PHE A 46 -1.65 -11.44 -22.88
N ASP A 47 -1.58 -11.46 -21.55
CA ASP A 47 -1.20 -10.29 -20.78
C ASP A 47 -0.54 -10.67 -19.44
N PRO A 48 0.74 -11.02 -19.49
CA PRO A 48 1.53 -11.27 -18.28
C PRO A 48 1.51 -10.08 -17.32
N GLY A 49 1.11 -10.33 -16.07
CA GLY A 49 1.05 -9.23 -15.10
C GLY A 49 -0.21 -8.38 -15.18
N PHE A 50 -1.03 -8.57 -16.23
CA PHE A 50 -2.28 -7.81 -16.44
C PHE A 50 -1.98 -6.34 -16.63
N LEU A 51 -0.81 -6.03 -17.14
CA LEU A 51 -0.32 -4.68 -17.31
C LEU A 51 -1.20 -3.86 -18.26
N ALA A 52 -1.98 -4.54 -19.08
CA ALA A 52 -2.85 -3.87 -20.00
C ALA A 52 -4.30 -4.27 -19.81
N THR A 53 -4.64 -4.85 -18.66
CA THR A 53 -5.97 -5.43 -18.52
C THR A 53 -6.65 -4.77 -17.37
N ALA A 54 -7.78 -4.15 -17.65
CA ALA A 54 -8.59 -3.56 -16.59
C ALA A 54 -9.59 -4.61 -16.15
N SER A 55 -9.40 -5.02 -14.90
CA SER A 55 -10.20 -6.04 -14.23
C SER A 55 -11.50 -5.48 -13.74
N CYS A 56 -11.61 -4.15 -13.62
CA CYS A 56 -12.80 -3.54 -13.02
C CYS A 56 -12.99 -2.04 -13.23
N GLU A 57 -14.20 -1.60 -12.97
CA GLU A 57 -14.50 -0.21 -12.79
C GLU A 57 -14.26 0.19 -11.35
N SER A 58 -13.76 1.41 -11.15
CA SER A 58 -13.59 1.88 -9.79
C SER A 58 -13.62 3.40 -9.69
N GLN A 59 -14.08 3.90 -8.55
CA GLN A 59 -14.23 5.36 -8.34
C GLN A 59 -13.32 5.86 -7.26
N ILE A 60 -12.44 4.99 -6.78
CA ILE A 60 -11.73 5.34 -5.55
C ILE A 60 -10.54 6.27 -5.80
N THR A 61 -9.60 5.81 -6.62
CA THR A 61 -8.33 6.47 -6.77
C THR A 61 -8.01 6.61 -8.26
N TYR A 62 -7.57 7.81 -8.67
CA TYR A 62 -7.14 7.98 -10.02
C TYR A 62 -5.65 8.33 -10.03
N ILE A 63 -4.92 7.69 -10.94
CA ILE A 63 -3.51 7.97 -11.16
C ILE A 63 -3.29 8.30 -12.64
N ASP A 64 -2.61 9.40 -12.90
CA ASP A 64 -2.01 9.67 -14.22
C ASP A 64 -0.54 10.07 -13.95
N GLY A 65 0.35 9.07 -14.06
CA GLY A 65 1.78 9.15 -13.73
C GLY A 65 2.53 10.28 -14.41
N GLY A 66 2.49 10.28 -15.74
CA GLY A 66 3.11 11.32 -16.54
C GLY A 66 2.77 12.73 -16.09
N LYS A 67 1.53 12.97 -15.71
CA LYS A 67 1.10 14.31 -15.33
C LYS A 67 1.19 14.59 -13.83
N GLY A 68 1.61 13.61 -13.04
CA GLY A 68 1.72 13.79 -11.59
C GLY A 68 0.39 13.93 -10.86
N ILE A 69 -0.61 13.20 -11.31
CA ILE A 69 -1.91 13.24 -10.69
C ILE A 69 -2.18 12.03 -9.79
N LEU A 70 -2.63 12.32 -8.57
CA LEU A 70 -3.17 11.29 -7.69
C LEU A 70 -4.41 11.84 -7.01
N LEU A 71 -5.53 11.16 -7.22
CA LEU A 71 -6.78 11.66 -6.67
C LEU A 71 -7.42 10.59 -5.78
N HIS A 72 -7.96 11.01 -4.65
CA HIS A 72 -8.87 10.15 -3.89
C HIS A 72 -10.26 10.75 -3.89
N ARG A 73 -11.25 9.96 -4.28
CA ARG A 73 -12.57 10.53 -4.64
C ARG A 73 -12.46 11.94 -5.25
N GLY A 74 -11.59 12.09 -6.25
CA GLY A 74 -11.43 13.36 -6.96
C GLY A 74 -10.57 14.43 -6.31
N TYR A 75 -10.25 14.26 -5.04
CA TYR A 75 -9.38 15.21 -4.32
C TYR A 75 -7.93 14.93 -4.54
N PRO A 76 -7.12 15.96 -4.90
CA PRO A 76 -5.69 15.75 -5.19
C PRO A 76 -4.92 15.50 -3.90
N ILE A 77 -3.97 14.57 -3.95
CA ILE A 77 -3.33 14.07 -2.72
C ILE A 77 -2.63 15.17 -1.95
N ASP A 78 -1.98 16.07 -2.66
CA ASP A 78 -1.32 17.19 -2.00
C ASP A 78 -2.28 18.03 -1.15
N GLN A 79 -3.47 18.33 -1.68
CA GLN A 79 -4.42 19.16 -0.94
C GLN A 79 -4.87 18.37 0.28
N LEU A 80 -5.17 17.09 0.06
CA LEU A 80 -5.55 16.15 1.15
C LEU A 80 -4.53 16.14 2.27
N ALA A 81 -3.26 15.94 1.94
CA ALA A 81 -2.18 15.81 2.90
C ALA A 81 -1.87 17.14 3.64
N ASN A 82 -1.82 18.27 2.91
CA ASN A 82 -1.56 19.57 3.55
C ASN A 82 -2.72 20.08 4.42
N ASN A 83 -3.92 19.51 4.26
CA ASN A 83 -5.15 20.06 4.85
C ASN A 83 -6.06 19.12 5.64
N ALA A 84 -5.79 17.82 5.59
CA ALA A 84 -6.60 16.87 6.34
C ALA A 84 -5.73 15.94 7.16
N ASP A 85 -6.28 15.44 8.26
CA ASP A 85 -5.69 14.32 8.97
C ASP A 85 -6.08 13.03 8.30
N TYR A 86 -5.28 12.01 8.54
CA TYR A 86 -5.50 10.69 7.99
C TYR A 86 -6.90 10.17 8.22
N LEU A 87 -7.42 10.24 9.43
CA LEU A 87 -8.77 9.71 9.55
C LEU A 87 -9.76 10.42 8.62
N GLU A 88 -9.50 11.68 8.30
CA GLU A 88 -10.44 12.37 7.45
C GLU A 88 -10.33 11.77 6.07
N VAL A 89 -9.09 11.49 5.67
CA VAL A 89 -8.82 10.86 4.39
C VAL A 89 -9.46 9.45 4.31
N CYS A 90 -9.47 8.78 5.45
CA CYS A 90 -10.06 7.48 5.52
C CYS A 90 -11.55 7.62 5.32
N TYR A 91 -12.13 8.69 5.87
CA TYR A 91 -13.55 8.90 5.75
C TYR A 91 -13.90 9.00 4.30
N ILE A 92 -13.15 9.86 3.64
CA ILE A 92 -13.30 10.04 2.21
C ILE A 92 -13.20 8.72 1.45
N LEU A 93 -12.14 7.95 1.63
CA LEU A 93 -12.02 6.66 0.94
C LEU A 93 -13.24 5.74 1.15
N LEU A 94 -13.75 5.70 2.37
CA LEU A 94 -14.93 4.90 2.62
C LEU A 94 -16.22 5.46 2.04
N TYR A 95 -16.50 6.74 2.23
CA TYR A 95 -17.83 7.19 1.91
C TYR A 95 -17.93 8.00 0.62
N GLY A 96 -16.81 8.43 0.07
CA GLY A 96 -16.80 9.11 -1.20
C GLY A 96 -16.87 10.62 -1.12
N GLU A 97 -17.02 11.17 0.09
CA GLU A 97 -17.10 12.61 0.27
C GLU A 97 -16.42 13.00 1.56
N ALA A 98 -15.92 14.24 1.57
CA ALA A 98 -15.50 14.94 2.76
C ALA A 98 -16.62 14.91 3.80
N PRO A 99 -16.27 14.57 5.05
CA PRO A 99 -17.24 14.62 6.14
C PRO A 99 -17.48 16.06 6.67
N THR A 100 -18.70 16.30 7.12
CA THR A 100 -18.98 17.48 7.95
C THR A 100 -18.20 17.34 9.29
N ARG A 101 -18.09 18.41 10.07
CA ARG A 101 -17.49 18.31 11.41
C ARG A 101 -18.19 17.33 12.31
N GLU A 102 -19.50 17.28 12.23
CA GLU A 102 -20.22 16.36 13.06
C GLU A 102 -20.01 14.92 12.65
N GLN A 103 -20.00 14.66 11.33
CA GLN A 103 -19.82 13.30 10.81
C GLN A 103 -18.42 12.84 11.17
N TYR A 104 -17.47 13.77 11.10
CA TYR A 104 -16.10 13.49 11.45
C TYR A 104 -15.96 13.20 12.94
N GLU A 105 -16.65 13.95 13.79
CA GLU A 105 -16.54 13.70 15.23
C GLU A 105 -17.08 12.32 15.51
N LYS A 106 -18.18 11.98 14.84
CA LYS A 106 -18.81 10.71 15.10
C LYS A 106 -17.88 9.59 14.60
N PHE A 107 -17.18 9.89 13.50
CA PHE A 107 -16.30 8.90 12.87
C PHE A 107 -15.12 8.61 13.78
N LYS A 108 -14.52 9.66 14.37
CA LYS A 108 -13.42 9.54 15.35
C LYS A 108 -13.80 8.80 16.60
N THR A 109 -15.00 9.06 17.09
CA THR A 109 -15.46 8.46 18.33
C THR A 109 -15.57 6.96 18.11
N THR A 110 -16.20 6.57 17.02
CA THR A 110 -16.37 5.16 16.64
C THR A 110 -15.01 4.49 16.46
N VAL A 111 -14.08 5.16 15.78
CA VAL A 111 -12.79 4.55 15.53
C VAL A 111 -12.16 4.24 16.89
N THR A 112 -12.29 5.19 17.80
CA THR A 112 -11.72 5.08 19.11
C THR A 112 -12.30 3.93 19.89
N ARG A 113 -13.60 3.72 19.76
CA ARG A 113 -14.26 2.66 20.49
C ARG A 113 -13.74 1.27 20.13
N HIS A 114 -13.36 1.04 18.87
CA HIS A 114 -12.85 -0.27 18.40
C HIS A 114 -11.34 -0.44 18.53
N THR A 115 -10.64 0.57 19.06
CA THR A 115 -9.20 0.53 19.06
C THR A 115 -8.61 -0.63 19.92
N VAL A 117 -8.07 -4.38 21.34
CA VAL A 117 -8.10 -5.70 20.77
C VAL A 117 -8.52 -6.65 21.88
N HIS A 118 -9.43 -7.55 21.55
CA HIS A 118 -9.88 -8.59 22.46
C HIS A 118 -8.71 -9.32 23.06
N GLU A 119 -8.81 -9.65 24.34
CA GLU A 119 -7.79 -10.40 25.01
C GLU A 119 -7.52 -11.74 24.30
N GLN A 120 -8.54 -12.35 23.69
CA GLN A 120 -8.33 -13.64 23.05
C GLN A 120 -7.40 -13.46 21.83
N ILE A 121 -7.58 -12.35 21.12
CA ILE A 121 -6.65 -12.00 20.07
C ILE A 121 -5.26 -11.55 20.58
N ALA A 122 -5.19 -11.04 21.80
CA ALA A 122 -3.91 -10.63 22.33
C ALA A 122 -3.09 -11.85 22.70
N SER A 123 -3.78 -12.95 22.93
CA SER A 123 -3.13 -14.19 23.36
C SER A 123 -2.50 -14.89 22.19
N PHE A 124 -3.03 -14.58 21.03
CA PHE A 124 -2.70 -15.33 19.86
C PHE A 124 -1.22 -15.05 19.48
N PHE A 125 -0.69 -13.87 19.88
CA PHE A 125 0.75 -13.56 19.69
C PHE A 125 1.68 -14.64 20.26
N HIS A 126 1.34 -15.19 21.41
CA HIS A 126 2.22 -16.20 21.97
C HIS A 126 2.26 -17.47 21.15
N GLY A 127 1.66 -17.47 19.96
CA GLY A 127 1.78 -18.59 19.05
C GLY A 127 3.07 -18.51 18.27
N PHE A 128 3.56 -17.28 18.14
CA PHE A 128 4.75 -17.03 17.37
C PHE A 128 5.98 -17.01 18.28
N ARG A 129 7.13 -17.32 17.70
CA ARG A 129 8.42 -17.05 18.34
C ARG A 129 8.63 -15.52 18.38
N ARG A 130 9.37 -14.99 19.30
CA ARG A 130 9.43 -13.52 19.31
C ARG A 130 10.17 -12.88 18.13
N ASP A 131 11.05 -13.67 17.50
CA ASP A 131 11.80 -13.20 16.32
C ASP A 131 11.11 -13.47 14.96
N ALA A 132 9.93 -14.05 14.96
CA ALA A 132 9.24 -14.10 13.71
C ALA A 132 9.11 -12.70 13.06
N HIS A 133 9.23 -12.66 11.75
CA HIS A 133 9.08 -11.42 11.06
C HIS A 133 7.70 -10.81 11.28
N PRO A 134 7.66 -9.53 11.66
CA PRO A 134 6.41 -8.84 11.97
C PRO A 134 5.33 -8.99 10.92
N ALA A 136 4.71 -11.43 9.21
CA ALA A 136 4.23 -12.82 9.36
C ALA A 136 3.23 -12.83 10.50
N VAL A 137 3.67 -12.20 11.57
CA VAL A 137 2.89 -12.16 12.76
C VAL A 137 1.63 -11.42 12.39
N CYS A 139 0.14 -11.22 9.54
CA CYS A 139 -0.79 -12.10 8.76
C CYS A 139 -1.62 -13.02 9.61
N GLY A 140 -0.93 -13.75 10.49
CA GLY A 140 -1.55 -14.63 11.44
C GLY A 140 -2.57 -13.85 12.22
N VAL A 141 -2.14 -12.72 12.78
CA VAL A 141 -3.05 -12.00 13.65
C VAL A 141 -4.28 -11.46 12.90
N VAL A 142 -4.09 -11.09 11.64
CA VAL A 142 -5.24 -10.69 10.87
C VAL A 142 -6.12 -11.90 10.52
N GLY A 143 -5.51 -13.06 10.25
CA GLY A 143 -6.23 -14.36 10.13
C GLY A 143 -7.03 -14.77 11.37
N ALA A 144 -6.56 -14.38 12.54
CA ALA A 144 -7.28 -14.62 13.79
C ALA A 144 -8.55 -13.81 13.87
N LEU A 145 -8.47 -12.58 13.38
CA LEU A 145 -9.67 -11.77 13.31
C LEU A 145 -10.72 -12.49 12.51
N ALA A 146 -10.29 -13.15 11.43
CA ALA A 146 -11.20 -13.84 10.55
C ALA A 146 -11.89 -14.94 11.36
N ALA A 147 -11.10 -15.68 12.13
CA ALA A 147 -11.64 -16.73 12.95
C ALA A 147 -12.70 -16.14 13.85
N PHE A 148 -12.35 -15.03 14.48
CA PHE A 148 -13.17 -14.45 15.54
C PHE A 148 -14.54 -13.93 15.07
N TYR A 149 -14.58 -13.18 13.99
CA TYR A 149 -15.84 -12.65 13.50
C TYR A 149 -16.56 -13.46 12.41
N HIS A 150 -15.96 -14.54 11.90
CA HIS A 150 -16.60 -15.29 10.82
C HIS A 150 -18.09 -15.56 10.99
N ASP A 151 -18.51 -16.07 12.16
CA ASP A 151 -19.92 -16.41 12.42
C ASP A 151 -20.92 -15.24 12.44
N SER A 152 -20.51 -14.09 12.96
CA SER A 152 -21.37 -12.90 13.10
C SER A 152 -21.51 -12.19 11.74
N LEU A 153 -20.65 -12.58 10.80
CA LEU A 153 -20.35 -11.76 9.63
C LEU A 153 -21.04 -12.23 8.35
N ASP A 154 -22.05 -11.51 7.91
CA ASP A 154 -22.66 -11.80 6.62
C ASP A 154 -22.17 -10.74 5.65
N ILE A 155 -21.31 -11.17 4.73
CA ILE A 155 -20.75 -10.24 3.77
C ILE A 155 -21.76 -9.56 2.86
N ASN A 156 -23.01 -10.04 2.82
CA ASN A 156 -24.00 -9.38 1.95
C ASN A 156 -24.68 -8.21 2.61
N ASN A 157 -24.66 -8.24 3.94
CA ASN A 157 -25.20 -7.18 4.71
C ASN A 157 -24.19 -6.04 4.69
N ASP A 158 -24.50 -4.98 3.93
CA ASP A 158 -23.59 -3.81 3.75
C ASP A 158 -23.25 -3.07 5.06
N LEU A 159 -24.11 -3.24 6.06
CA LEU A 159 -23.86 -2.76 7.42
C LEU A 159 -22.78 -3.58 8.19
N HIS A 160 -22.63 -4.87 7.87
CA HIS A 160 -21.55 -5.69 8.46
C HIS A 160 -20.24 -5.34 7.85
N ARG A 161 -20.33 -4.79 6.68
CA ARG A 161 -19.20 -4.46 5.91
C ARG A 161 -18.67 -3.14 6.37
N GLU A 162 -19.58 -2.27 6.84
CA GLU A 162 -19.22 -0.98 7.37
C GLU A 162 -18.51 -1.20 8.70
N ILE A 163 -19.09 -2.04 9.57
CA ILE A 163 -18.49 -2.35 10.86
C ILE A 163 -17.08 -2.98 10.69
N THR A 164 -16.98 -3.87 9.70
CA THR A 164 -15.71 -4.53 9.41
C THR A 164 -14.62 -3.53 9.03
N ALA A 165 -14.96 -2.56 8.22
CA ALA A 165 -13.99 -1.52 7.91
C ALA A 165 -13.53 -0.71 9.14
N TYR A 166 -14.41 -0.53 10.10
CA TYR A 166 -14.05 0.20 11.32
C TYR A 166 -13.15 -0.64 12.15
N ARG A 167 -13.43 -1.92 12.16
CA ARG A 167 -12.60 -2.82 12.91
C ARG A 167 -11.18 -2.85 12.39
N LEU A 168 -10.97 -2.87 11.07
CA LEU A 168 -9.60 -2.94 10.57
C LEU A 168 -8.95 -1.65 10.76
N LEU A 169 -9.72 -0.59 10.58
CA LEU A 169 -9.17 0.73 10.73
C LEU A 169 -8.70 1.06 12.15
N SER A 170 -9.46 0.58 13.15
CA SER A 170 -9.20 0.86 14.54
C SER A 170 -8.12 -0.04 15.12
N LYS A 171 -8.10 -1.32 14.74
CA LYS A 171 -7.22 -2.30 15.34
C LYS A 171 -5.83 -2.48 14.71
N PRO A 173 -3.37 -0.55 13.84
CA PRO A 173 -2.26 0.10 14.59
C PRO A 173 -2.01 -0.56 15.99
N THR A 174 -3.08 -0.94 16.67
CA THR A 174 -2.92 -1.71 17.89
C THR A 174 -2.14 -3.01 17.64
N LEU A 175 -2.53 -3.77 16.62
CA LEU A 175 -1.83 -5.02 16.29
C LEU A 175 -0.38 -4.80 15.83
N ALA A 176 -0.18 -3.79 14.99
CA ALA A 176 1.14 -3.38 14.60
C ALA A 176 2.03 -3.12 15.84
N ALA A 177 1.56 -2.29 16.77
CA ALA A 177 2.41 -1.98 17.91
C ALA A 177 2.59 -3.21 18.78
N CYS A 179 2.95 -6.29 17.61
CA CYS A 179 4.04 -7.09 16.97
C CYS A 179 5.38 -6.53 17.40
N TYR A 180 5.43 -5.21 17.41
CA TYR A 180 6.67 -4.58 17.79
C TYR A 180 7.04 -4.94 19.24
N LYS A 181 6.14 -4.68 20.17
CA LYS A 181 6.33 -5.09 21.58
C LYS A 181 6.63 -6.58 21.77
N TYR A 182 5.88 -7.43 21.07
CA TYR A 182 6.12 -8.85 21.13
C TYR A 182 7.53 -9.15 20.74
N SER A 183 7.94 -8.69 19.55
CA SER A 183 9.29 -9.07 19.06
C SER A 183 10.42 -8.51 19.92
N THR A 184 10.22 -7.39 20.63
CA THR A 184 11.30 -6.91 21.49
C THR A 184 11.13 -7.32 22.95
N GLY A 185 10.08 -8.07 23.28
CA GLY A 185 9.91 -8.57 24.64
C GLY A 185 9.50 -7.51 25.65
N GLN A 186 8.85 -6.44 25.21
CA GLN A 186 8.35 -5.40 26.11
C GLN A 186 6.84 -5.62 26.24
N PRO A 187 6.21 -5.15 27.33
CA PRO A 187 4.73 -5.35 27.48
C PRO A 187 3.90 -4.50 26.55
N PHE A 188 2.72 -5.02 26.19
CA PHE A 188 1.77 -4.30 25.37
C PHE A 188 1.31 -2.98 25.99
N ILE A 189 0.97 -2.03 25.13
CA ILE A 189 0.53 -0.75 25.66
C ILE A 189 -0.89 -0.48 25.19
N TYR A 190 -1.82 -0.32 26.13
CA TYR A 190 -3.19 -0.03 25.77
C TYR A 190 -3.37 1.34 25.07
N PRO A 191 -4.35 1.44 24.16
CA PRO A 191 -4.73 2.67 23.48
C PRO A 191 -5.04 3.75 24.47
N ARG A 192 -4.81 5.02 24.15
CA ARG A 192 -5.33 6.08 25.02
C ARG A 192 -6.20 6.95 24.21
N ASN A 193 -7.45 7.04 24.65
CA ASN A 193 -8.48 7.87 24.03
C ASN A 193 -8.22 9.37 23.97
N ASP A 194 -7.40 9.91 24.86
CA ASP A 194 -7.08 11.33 24.73
C ASP A 194 -6.08 11.59 23.61
N LEU A 195 -5.60 10.54 22.91
CA LEU A 195 -4.62 10.74 21.83
C LEU A 195 -5.24 10.65 20.46
N SER A 196 -4.63 11.34 19.52
CA SER A 196 -5.03 11.26 18.13
C SER A 196 -4.51 9.92 17.55
N TYR A 197 -4.98 9.59 16.36
CA TYR A 197 -4.72 8.28 15.78
C TYR A 197 -3.20 7.98 15.62
N ALA A 198 -2.45 8.91 15.04
CA ALA A 198 -1.02 8.79 14.84
C ALA A 198 -0.30 8.90 16.16
N GLU A 199 -0.72 9.84 16.99
CA GLU A 199 -0.18 9.97 18.35
C GLU A 199 -0.30 8.66 19.05
N ASN A 200 -1.50 8.11 19.01
CA ASN A 200 -1.77 6.89 19.70
C ASN A 200 -0.94 5.68 19.19
N PHE A 201 -0.74 5.61 17.89
CA PHE A 201 0.16 4.58 17.37
C PHE A 201 1.59 4.61 17.99
N LEU A 202 2.19 5.78 18.00
CA LEU A 202 3.60 5.97 18.40
C LEU A 202 3.74 5.66 19.89
N HIS A 203 2.70 6.03 20.64
CA HIS A 203 2.63 5.80 22.06
C HIS A 203 2.59 4.33 22.34
N PHE A 206 6.17 2.95 21.38
CA PHE A 206 7.34 3.34 22.19
C PHE A 206 7.19 3.56 23.71
N ALA A 207 5.98 3.75 24.22
CA ALA A 207 5.84 4.01 25.64
C ALA A 207 6.24 2.76 26.42
N THR A 208 6.60 2.94 27.69
CA THR A 208 6.87 1.86 28.59
C THR A 208 6.12 2.14 29.90
N PRO A 209 5.97 1.13 30.77
CA PRO A 209 5.34 1.36 32.08
C PRO A 209 6.25 2.14 33.08
N CYS A 210 7.46 2.51 32.63
CA CYS A 210 8.50 3.09 33.49
C CYS A 210 8.47 4.61 33.62
N GLU A 211 7.76 5.27 32.70
CA GLU A 211 7.51 6.72 32.77
C GLU A 211 6.41 7.13 31.83
N GLU A 212 6.00 8.38 31.97
CA GLU A 212 5.14 9.01 31.01
C GLU A 212 5.91 9.14 29.68
N TYR A 213 5.27 8.71 28.60
CA TYR A 213 5.85 8.90 27.29
C TYR A 213 5.12 10.05 26.65
N GLU A 214 5.88 10.99 26.13
CA GLU A 214 5.24 12.13 25.49
C GLU A 214 5.59 12.11 24.02
N VAL A 215 4.56 12.03 23.19
CA VAL A 215 4.77 11.92 21.76
C VAL A 215 5.09 13.31 21.28
N ASN A 216 6.24 13.46 20.66
CA ASN A 216 6.59 14.72 20.02
C ASN A 216 5.62 15.02 18.83
N PRO A 217 5.04 16.23 18.79
CA PRO A 217 3.95 16.50 17.83
C PRO A 217 4.45 16.65 16.39
N VAL A 218 5.71 17.04 16.21
CA VAL A 218 6.32 16.99 14.87
C VAL A 218 6.39 15.55 14.31
N VAL A 219 6.67 14.61 15.17
CA VAL A 219 6.79 13.23 14.79
C VAL A 219 5.40 12.66 14.54
N ALA A 220 4.42 13.14 15.32
CA ALA A 220 3.07 12.61 15.24
C ALA A 220 2.49 13.11 13.91
N ARG A 221 2.78 14.37 13.61
CA ARG A 221 2.43 14.97 12.32
C ARG A 221 2.99 14.16 11.14
N ALA A 222 4.27 13.82 11.24
CA ALA A 222 4.96 13.05 10.23
C ALA A 222 4.32 11.68 10.02
N ASP A 224 1.31 10.81 10.70
CA ASP A 224 0.01 11.03 10.07
C ASP A 224 0.14 11.16 8.59
N LYS A 225 1.16 11.87 8.16
CA LYS A 225 1.40 12.18 6.75
C LYS A 225 1.79 10.91 6.05
N ILE A 226 2.49 10.05 6.78
CA ILE A 226 2.93 8.84 6.18
C ILE A 226 1.72 7.94 5.88
N PHE A 227 0.83 7.80 6.85
CA PHE A 227 -0.40 7.03 6.70
C PHE A 227 -1.18 7.49 5.48
N THR A 228 -1.41 8.80 5.45
CA THR A 228 -2.05 9.45 4.35
C THR A 228 -1.40 9.18 3.00
N LEU A 229 -0.10 9.35 2.86
CA LEU A 229 0.48 9.24 1.57
C LEU A 229 0.57 7.78 1.11
N HIS A 230 0.16 6.84 1.94
CA HIS A 230 0.19 5.44 1.53
C HIS A 230 -1.17 4.82 1.64
N ALA A 231 -2.18 5.64 1.84
CA ALA A 231 -3.52 5.09 2.05
C ALA A 231 -4.03 4.26 0.89
N ASP A 232 -3.77 4.69 -0.32
CA ASP A 232 -4.31 3.98 -1.45
C ASP A 232 -3.56 4.30 -2.72
N HIS A 233 -3.56 3.28 -3.57
CA HIS A 233 -2.86 3.38 -4.85
C HIS A 233 -3.51 2.64 -6.02
N GLU A 234 -4.84 2.70 -6.13
CA GLU A 234 -5.52 2.21 -7.31
C GLU A 234 -5.26 0.69 -7.33
N GLN A 235 -5.18 0.05 -8.49
CA GLN A 235 -4.92 -1.41 -8.55
C GLN A 235 -3.42 -1.68 -8.49
N ASN A 236 -3.06 -2.79 -7.92
CA ASN A 236 -1.63 -3.10 -7.75
C ASN A 236 -1.61 -4.47 -7.08
N ALA A 237 -0.45 -5.06 -6.98
CA ALA A 237 -0.36 -6.44 -6.52
C ALA A 237 -1.30 -6.70 -5.34
N SER A 238 -1.19 -5.89 -4.29
CA SER A 238 -1.83 -6.30 -3.05
C SER A 238 -3.31 -5.98 -3.11
N THR A 239 -3.62 -4.79 -3.59
CA THR A 239 -5.02 -4.48 -3.80
C THR A 239 -5.70 -5.46 -4.76
N SER A 240 -5.01 -5.86 -5.81
CA SER A 240 -5.64 -6.84 -6.74
C SER A 240 -5.79 -8.19 -6.08
N THR A 241 -4.81 -8.55 -5.27
CA THR A 241 -4.90 -9.78 -4.47
C THR A 241 -6.11 -9.78 -3.57
N VAL A 242 -6.37 -8.66 -2.90
CA VAL A 242 -7.52 -8.52 -2.02
C VAL A 242 -8.84 -8.67 -2.85
N ARG A 243 -8.91 -8.04 -4.03
CA ARG A 243 -10.09 -8.22 -4.86
C ARG A 243 -10.21 -9.66 -5.38
N LEU A 244 -9.13 -10.19 -5.93
CA LEU A 244 -9.20 -11.50 -6.51
C LEU A 244 -9.63 -12.57 -5.46
N ALA A 245 -9.02 -12.57 -4.26
CA ALA A 245 -9.41 -13.45 -3.15
C ALA A 245 -10.84 -13.16 -2.69
N GLY A 246 -11.23 -11.90 -2.60
CA GLY A 246 -12.61 -11.58 -2.27
C GLY A 246 -13.63 -11.95 -3.34
N SER A 247 -13.24 -12.20 -4.58
CA SER A 247 -14.26 -12.45 -5.60
C SER A 247 -14.97 -13.78 -5.40
N SER A 248 -14.41 -14.68 -4.59
CA SER A 248 -15.08 -15.93 -4.29
C SER A 248 -16.08 -15.82 -3.11
N GLY A 249 -16.25 -14.61 -2.55
CA GLY A 249 -17.09 -14.49 -1.35
C GLY A 249 -16.33 -14.71 -0.02
N ALA A 250 -15.00 -14.75 -0.09
CA ALA A 250 -14.14 -14.90 1.09
C ALA A 250 -14.35 -13.82 2.17
N ASN A 251 -14.20 -14.23 3.41
CA ASN A 251 -14.22 -13.36 4.56
C ASN A 251 -13.24 -12.16 4.34
N PRO A 252 -13.71 -10.93 4.61
CA PRO A 252 -12.92 -9.70 4.37
C PRO A 252 -11.58 -9.69 5.11
N PHE A 253 -11.55 -10.21 6.32
CA PHE A 253 -10.31 -10.26 7.07
C PHE A 253 -9.34 -11.20 6.43
N ALA A 254 -9.80 -12.35 5.93
CA ALA A 254 -8.90 -13.24 5.19
C ALA A 254 -8.38 -12.58 3.85
N CYS A 255 -9.27 -11.80 3.21
CA CYS A 255 -8.84 -11.00 2.05
C CYS A 255 -7.75 -10.00 2.43
N ILE A 256 -7.92 -9.25 3.52
CA ILE A 256 -6.87 -8.36 4.00
C ILE A 256 -5.57 -9.14 4.27
N ALA A 257 -5.68 -10.29 4.91
CA ALA A 257 -4.50 -11.13 5.22
C ALA A 257 -3.79 -11.48 3.92
N ALA A 258 -4.56 -11.83 2.89
CA ALA A 258 -3.94 -12.10 1.59
C ALA A 258 -3.19 -10.87 1.02
N GLY A 259 -3.77 -9.68 1.19
CA GLY A 259 -3.12 -8.45 0.75
C GLY A 259 -1.80 -8.26 1.48
N ILE A 260 -1.79 -8.55 2.78
CA ILE A 260 -0.58 -8.39 3.56
C ILE A 260 0.49 -9.37 3.10
N ALA A 261 0.08 -10.62 2.83
CA ALA A 261 0.98 -11.59 2.26
C ALA A 261 1.60 -11.02 0.98
N SER A 262 0.76 -10.47 0.11
CA SER A 262 1.24 -9.89 -1.12
C SER A 262 2.25 -8.74 -0.91
N LEU A 263 1.89 -7.82 0.01
CA LEU A 263 2.69 -6.64 0.29
C LEU A 263 4.06 -6.99 0.83
N TRP A 264 4.11 -8.09 1.54
CA TRP A 264 5.33 -8.55 2.17
C TRP A 264 6.37 -8.98 1.16
N GLY A 265 5.93 -9.33 -0.04
CA GLY A 265 6.85 -9.67 -1.10
C GLY A 265 7.77 -8.49 -1.34
N PRO A 266 9.07 -8.78 -1.44
CA PRO A 266 10.09 -7.73 -1.49
C PRO A 266 9.84 -6.70 -2.66
N ALA A 267 9.39 -7.20 -3.81
CA ALA A 267 9.04 -6.36 -4.96
C ALA A 267 7.83 -5.39 -4.76
N HIS A 268 7.00 -5.60 -3.74
CA HIS A 268 5.87 -4.67 -3.44
C HIS A 268 6.16 -3.75 -2.25
N GLY A 269 6.76 -4.32 -1.18
CA GLY A 269 6.88 -3.61 0.10
C GLY A 269 8.27 -3.27 0.65
N GLY A 270 9.32 -3.44 -0.18
CA GLY A 270 10.76 -3.35 0.26
C GLY A 270 11.49 -2.06 -0.11
N ALA A 271 10.79 -1.18 -0.83
CA ALA A 271 11.40 0.00 -1.43
C ALA A 271 12.07 0.94 -0.40
N ASN A 272 11.36 1.20 0.70
CA ASN A 272 11.91 1.88 1.87
C ASN A 272 13.26 1.37 2.36
N GLU A 273 13.32 0.06 2.51
CA GLU A 273 14.46 -0.58 3.09
C GLU A 273 15.58 -0.50 2.05
N ALA A 274 15.24 -0.82 0.81
CA ALA A 274 16.25 -0.94 -0.24
C ALA A 274 16.97 0.41 -0.29
N CYS A 275 16.18 1.46 -0.07
CA CYS A 275 16.70 2.79 0.00
C CYS A 275 17.62 3.07 1.23
N LEU A 276 17.24 2.62 2.43
CA LEU A 276 18.21 2.68 3.54
C LEU A 276 19.46 1.87 3.25
N LYS A 277 19.29 0.68 2.67
CA LYS A 277 20.40 -0.24 2.33
C LYS A 277 21.40 0.38 1.36
N LEU A 279 21.96 3.52 1.30
CA LEU A 279 22.67 4.56 2.03
C LEU A 279 23.83 3.99 2.84
N GLU A 280 23.58 2.85 3.50
CA GLU A 280 24.59 2.15 4.28
C GLU A 280 25.74 1.67 3.40
N GLU A 281 25.42 1.37 2.14
CA GLU A 281 26.37 0.85 1.16
C GLU A 281 27.37 1.93 0.75
N ILE A 282 26.87 3.16 0.63
CA ILE A 282 27.73 4.32 0.41
C ILE A 282 28.59 4.67 1.65
N GLY A 283 28.00 4.49 2.84
CA GLY A 283 28.69 4.65 4.14
C GLY A 283 29.04 6.07 4.58
N SER A 284 29.75 6.79 3.73
CA SER A 284 30.25 8.12 4.05
C SER A 284 30.01 9.08 2.88
N VAL A 285 29.88 10.36 3.21
CA VAL A 285 29.93 11.44 2.23
C VAL A 285 31.11 11.27 1.22
N ASP A 286 32.29 10.86 1.69
CA ASP A 286 33.49 10.69 0.85
C ASP A 286 33.19 9.91 -0.42
N ASN A 287 32.35 8.88 -0.27
CA ASN A 287 32.17 7.80 -1.25
C ASN A 287 31.05 8.09 -2.23
N ILE A 288 30.36 9.21 -2.03
CA ILE A 288 29.31 9.64 -2.97
C ILE A 288 29.74 9.54 -4.46
N PRO A 289 30.71 10.39 -4.89
CA PRO A 289 30.95 10.42 -6.35
C PRO A 289 31.25 9.06 -6.97
N GLU A 290 31.99 8.20 -6.25
CA GLU A 290 32.41 6.90 -6.78
C GLU A 290 31.21 6.00 -6.99
N TYR A 291 30.32 6.02 -6.01
CA TYR A 291 29.10 5.22 -6.04
C TYR A 291 28.09 5.82 -7.03
N VAL A 292 28.08 7.14 -7.11
CA VAL A 292 27.36 7.87 -8.17
C VAL A 292 27.70 7.23 -9.50
N ASP A 293 28.99 7.18 -9.83
CA ASP A 293 29.47 6.57 -11.07
C ASP A 293 29.19 5.06 -11.28
N ARG A 294 29.14 4.28 -10.19
CA ARG A 294 28.74 2.86 -10.25
C ARG A 294 27.23 2.66 -10.55
N ALA A 295 26.44 3.69 -10.26
CA ALA A 295 25.01 3.69 -10.61
C ALA A 295 24.91 3.88 -12.12
N LYS A 296 25.56 4.94 -12.60
CA LYS A 296 25.73 5.25 -14.03
C LYS A 296 26.23 4.09 -14.90
N ASP A 297 27.26 3.36 -14.44
CA ASP A 297 27.68 2.16 -15.15
C ASP A 297 26.48 1.21 -15.32
N LYS A 298 25.99 1.15 -16.56
CA LYS A 298 24.80 0.37 -16.93
C LYS A 298 25.03 -1.11 -16.61
N ASP A 299 26.29 -1.52 -16.71
CA ASP A 299 26.72 -2.90 -16.41
C ASP A 299 27.09 -3.15 -14.95
N ASP A 300 26.89 -2.12 -14.12
CA ASP A 300 27.18 -2.22 -12.71
C ASP A 300 25.91 -2.26 -11.83
N PRO A 301 25.64 -3.45 -11.22
CA PRO A 301 24.43 -3.87 -10.49
C PRO A 301 23.93 -2.79 -9.54
N PHE A 302 24.88 -2.00 -9.03
CA PHE A 302 24.57 -0.85 -8.21
C PHE A 302 23.84 0.24 -9.00
N ARG A 303 22.61 0.50 -8.52
CA ARG A 303 21.74 1.60 -8.95
C ARG A 303 21.37 2.35 -7.68
N LEU A 304 20.95 3.61 -7.86
CA LEU A 304 20.41 4.43 -6.78
C LEU A 304 18.97 4.06 -6.48
N GLY A 306 15.59 4.88 -4.57
CA GLY A 306 14.88 6.05 -4.03
C GLY A 306 14.97 7.35 -4.84
N PHE A 307 15.45 7.23 -6.08
CA PHE A 307 15.46 8.37 -6.97
C PHE A 307 14.66 8.08 -8.19
N GLY A 308 13.99 9.10 -8.70
CA GLY A 308 12.99 8.89 -9.76
C GLY A 308 11.92 7.87 -9.44
N HIS A 309 11.03 7.64 -10.39
CA HIS A 309 9.90 6.76 -10.18
C HIS A 309 9.50 6.08 -11.47
N ARG A 310 9.12 4.80 -11.40
CA ARG A 310 8.57 4.10 -12.58
C ARG A 310 7.30 4.77 -13.12
N VAL A 311 6.46 5.26 -12.23
CA VAL A 311 5.15 5.76 -12.59
C VAL A 311 5.11 7.29 -12.61
N TYR A 312 5.55 7.94 -11.52
CA TYR A 312 5.57 9.40 -11.49
C TYR A 312 6.86 9.85 -12.07
N LYS A 313 6.90 9.77 -13.41
CA LYS A 313 8.12 9.97 -14.17
C LYS A 313 8.75 11.33 -13.96
N ASN A 314 7.96 12.36 -13.73
CA ASN A 314 8.49 13.73 -13.66
C ASN A 314 8.52 14.29 -12.29
N TYR A 315 7.54 13.89 -11.51
CA TYR A 315 7.17 14.62 -10.33
C TYR A 315 6.18 13.70 -9.67
N ASP A 316 6.38 13.39 -8.40
CA ASP A 316 5.40 12.68 -7.60
C ASP A 316 4.94 13.74 -6.62
N PRO A 317 3.62 13.97 -6.57
CA PRO A 317 3.22 15.07 -5.70
C PRO A 317 3.27 14.63 -4.22
N ARG A 318 3.36 13.33 -4.00
CA ARG A 318 3.57 12.83 -2.65
C ARG A 318 5.01 13.14 -2.18
N ALA A 319 5.94 13.24 -3.13
CA ALA A 319 7.33 13.45 -2.79
C ALA A 319 7.53 14.84 -2.21
N THR A 320 6.83 15.81 -2.77
CA THR A 320 6.95 17.21 -2.28
C THR A 320 6.55 17.35 -0.82
N VAL A 321 5.45 16.73 -0.43
CA VAL A 321 5.02 16.74 0.97
C VAL A 321 5.98 15.97 1.86
N ARG A 323 9.00 15.36 1.39
CA ARG A 323 10.26 16.12 1.49
C ARG A 323 10.16 17.10 2.65
N GLU A 324 9.01 17.79 2.75
CA GLU A 324 8.90 18.86 3.73
C GLU A 324 8.79 18.28 5.16
N THR A 325 8.11 17.14 5.24
CA THR A 325 7.92 16.45 6.49
C THR A 325 9.27 15.91 6.96
N CYS A 326 10.02 15.33 6.04
CA CYS A 326 11.33 14.83 6.39
C CYS A 326 12.24 15.90 6.99
N HIS A 327 12.36 17.06 6.35
CA HIS A 327 13.17 18.16 6.93
C HIS A 327 12.74 18.71 8.28
N GLU A 328 11.45 18.72 8.56
CA GLU A 328 10.95 19.17 9.82
C GLU A 328 11.46 18.18 10.89
N VAL A 329 11.25 16.88 10.63
CA VAL A 329 11.62 15.82 11.55
C VAL A 329 13.07 15.86 11.91
N LEU A 330 13.94 15.97 10.91
CA LEU A 330 15.38 16.03 11.14
C LEU A 330 15.83 17.26 11.89
N LYS A 331 15.24 18.42 11.61
CA LYS A 331 15.51 19.67 12.35
C LYS A 331 15.07 19.53 13.78
N GLU A 332 13.91 18.92 13.99
CA GLU A 332 13.42 18.74 15.33
C GLU A 332 14.24 17.74 16.16
N LEU A 333 14.54 16.58 15.63
CA LEU A 333 15.28 15.57 16.38
C LEU A 333 16.78 15.81 16.36
N ASN A 334 17.24 16.69 15.47
CA ASN A 334 18.62 17.08 15.36
C ASN A 334 19.55 15.87 15.51
N ILE A 335 19.34 14.84 14.70
CA ILE A 335 20.23 13.68 14.79
C ILE A 335 21.55 13.90 14.04
N GLN A 336 22.59 13.28 14.55
CA GLN A 336 23.89 13.29 13.92
C GLN A 336 24.20 11.85 13.62
N ASP A 337 24.28 11.55 12.34
CA ASP A 337 24.50 10.22 11.84
C ASP A 337 25.14 10.40 10.48
N PRO A 338 26.21 9.63 10.20
CA PRO A 338 26.88 9.61 8.89
C PRO A 338 25.93 9.33 7.70
N LEU A 339 24.99 8.40 7.90
CA LEU A 339 24.02 8.03 6.84
C LEU A 339 23.03 9.16 6.50
N LEU A 340 22.64 9.93 7.51
CA LEU A 340 21.90 11.17 7.30
C LEU A 340 22.65 12.12 6.42
N ASP A 341 23.93 12.32 6.71
CA ASP A 341 24.72 13.27 5.94
C ASP A 341 24.79 12.87 4.46
N VAL A 342 25.04 11.58 4.26
CA VAL A 342 25.04 10.95 2.95
C VAL A 342 23.73 11.25 2.26
N ALA A 343 22.64 10.86 2.92
CA ALA A 343 21.31 11.11 2.40
C ALA A 343 21.12 12.57 1.99
N GLU A 345 23.29 14.82 1.22
CA GLU A 345 24.19 15.26 0.18
C GLU A 345 23.66 14.73 -1.16
N LEU A 346 23.18 13.49 -1.17
CA LEU A 346 22.54 12.95 -2.37
C LEU A 346 21.42 13.86 -2.80
N GLU A 347 20.68 14.37 -1.81
CA GLU A 347 19.58 15.26 -2.10
C GLU A 347 20.05 16.56 -2.78
N ARG A 348 21.06 17.23 -2.21
CA ARG A 348 21.59 18.45 -2.82
C ARG A 348 21.99 18.23 -4.27
N ILE A 349 22.58 17.07 -4.55
CA ILE A 349 23.09 16.72 -5.86
C ILE A 349 21.96 16.49 -6.86
N ALA A 350 21.02 15.64 -6.47
CA ALA A 350 19.87 15.36 -7.32
C ALA A 350 19.22 16.66 -7.79
N LEU A 351 19.23 17.67 -6.92
CA LEU A 351 18.51 18.91 -7.13
C LEU A 351 19.30 19.95 -7.82
N SER A 352 20.58 19.68 -8.08
CA SER A 352 21.44 20.58 -8.86
C SER A 352 21.99 19.87 -10.11
N ASP A 353 23.00 19.02 -9.93
CA ASP A 353 23.57 18.18 -11.00
C ASP A 353 22.60 17.95 -12.15
N GLU A 354 23.02 18.39 -13.34
CA GLU A 354 22.21 18.29 -14.54
C GLU A 354 21.76 16.87 -14.85
N TYR A 355 22.71 15.93 -14.81
CA TYR A 355 22.44 14.56 -15.20
C TYR A 355 21.27 13.93 -14.42
N PHE A 356 21.17 14.27 -13.13
CA PHE A 356 19.99 13.97 -12.29
C PHE A 356 18.73 14.74 -12.66
N VAL A 357 18.85 16.05 -12.83
CA VAL A 357 17.70 16.86 -13.23
C VAL A 357 17.27 16.46 -14.65
N SER A 358 18.24 16.15 -15.51
CA SER A 358 17.94 15.76 -16.89
C SER A 358 17.39 14.33 -16.95
N LYS A 359 17.98 13.39 -16.24
CA LYS A 359 17.44 12.03 -16.26
C LYS A 359 16.23 11.83 -15.31
N LYS A 360 15.79 12.94 -14.72
CA LYS A 360 14.54 13.00 -13.94
C LYS A 360 14.64 12.23 -12.61
N LEU A 361 15.85 12.15 -12.07
CA LEU A 361 16.12 11.32 -10.91
C LEU A 361 16.01 12.10 -9.60
N TYR A 362 14.76 12.42 -9.27
CA TYR A 362 14.45 13.17 -8.08
C TYR A 362 14.36 12.21 -6.89
N PRO A 363 14.70 12.69 -5.67
CA PRO A 363 14.49 11.94 -4.41
C PRO A 363 13.01 11.69 -4.19
N ASN A 364 12.63 10.43 -4.10
CA ASN A 364 11.22 10.10 -4.14
C ASN A 364 10.58 9.90 -2.78
N VAL A 365 9.30 9.56 -2.78
CA VAL A 365 8.54 9.36 -1.54
C VAL A 365 9.17 8.26 -0.66
N ASP A 366 9.78 7.22 -1.28
CA ASP A 366 10.44 6.11 -0.51
C ASP A 366 11.71 6.56 0.19
N PHE A 367 12.56 7.28 -0.55
CA PHE A 367 13.72 7.97 0.01
C PHE A 367 13.35 8.67 1.32
N TYR A 368 12.39 9.59 1.26
CA TYR A 368 12.08 10.40 2.43
C TYR A 368 11.40 9.66 3.52
N SER A 369 10.56 8.66 3.18
CA SER A 369 9.83 7.97 4.26
C SER A 369 10.73 6.99 4.99
N GLY A 370 11.72 6.46 4.28
CA GLY A 370 12.72 5.64 4.94
C GLY A 370 13.49 6.47 5.97
N ILE A 371 13.90 7.66 5.59
CA ILE A 371 14.66 8.54 6.48
C ILE A 371 13.83 8.89 7.69
N ILE A 372 12.60 9.37 7.49
CA ILE A 372 11.68 9.65 8.62
C ILE A 372 11.52 8.39 9.51
N LEU A 373 11.18 7.25 8.94
CA LEU A 373 11.02 6.08 9.80
C LEU A 373 12.25 5.70 10.65
N LYS A 374 13.41 5.71 10.03
CA LYS A 374 14.62 5.36 10.74
C LYS A 374 14.92 6.42 11.78
N ALA A 375 14.75 7.70 11.44
CA ALA A 375 15.02 8.77 12.39
C ALA A 375 14.10 8.74 13.62
N ILE A 376 12.90 8.22 13.47
CA ILE A 376 12.04 8.18 14.65
C ILE A 376 12.15 6.89 15.45
N GLY A 377 13.04 5.98 15.05
CA GLY A 377 13.36 4.85 15.90
C GLY A 377 12.58 3.61 15.53
N ILE A 378 11.93 3.65 14.39
CA ILE A 378 11.29 2.47 13.84
C ILE A 378 12.26 1.54 13.13
N PRO A 379 12.37 0.32 13.61
CA PRO A 379 13.30 -0.61 13.01
C PRO A 379 12.80 -1.04 11.65
N VAL A 380 13.77 -1.29 10.77
CA VAL A 380 13.59 -1.85 9.46
C VAL A 380 12.55 -3.02 9.37
N SER A 381 12.61 -3.96 10.27
CA SER A 381 11.65 -5.09 10.28
C SER A 381 10.22 -4.61 10.36
N PHE A 383 9.05 -1.74 8.69
CA PHE A 383 8.73 -0.77 7.62
C PHE A 383 7.50 -1.19 6.82
N THR A 384 7.45 -2.47 6.41
CA THR A 384 6.33 -2.92 5.63
C THR A 384 5.04 -2.98 6.48
N VAL A 385 5.18 -3.33 7.76
CA VAL A 385 3.99 -3.38 8.62
C VAL A 385 3.32 -2.01 8.65
N ILE A 386 4.12 -0.95 8.64
CA ILE A 386 3.57 0.40 8.64
C ILE A 386 2.91 0.75 7.31
N PHE A 387 3.56 0.34 6.23
CA PHE A 387 2.95 0.43 4.93
C PHE A 387 1.59 -0.28 5.08
N ALA A 388 1.58 -1.50 5.64
CA ALA A 388 0.32 -2.27 5.76
C ALA A 388 -0.78 -1.56 6.55
N ILE A 389 -0.42 -0.95 7.67
CA ILE A 389 -1.36 -0.14 8.46
C ILE A 389 -2.01 0.94 7.60
N SER A 390 -1.21 1.66 6.80
CA SER A 390 -1.76 2.74 5.96
C SER A 390 -2.72 2.21 4.92
N ARG A 391 -2.32 1.14 4.25
CA ARG A 391 -2.94 0.72 3.03
C ARG A 391 -4.21 -0.06 3.33
N THR A 392 -4.30 -0.52 4.56
CA THR A 392 -5.44 -1.34 4.90
C THR A 392 -6.75 -0.65 4.56
N ILE A 393 -6.81 0.66 4.76
CA ILE A 393 -8.03 1.37 4.51
C ILE A 393 -8.32 1.35 3.02
N GLY A 394 -7.32 1.49 2.18
CA GLY A 394 -7.56 1.32 0.75
C GLY A 394 -8.01 -0.08 0.37
N TRP A 395 -7.40 -1.09 0.96
CA TRP A 395 -7.83 -2.46 0.72
C TRP A 395 -9.27 -2.66 0.98
N ILE A 396 -9.72 -2.13 2.09
CA ILE A 396 -11.07 -2.40 2.52
C ILE A 396 -12.10 -1.65 1.66
N ALA A 397 -11.77 -0.42 1.29
CA ALA A 397 -12.60 0.35 0.37
C ALA A 397 -12.72 -0.31 -0.99
N HIS A 398 -11.62 -0.88 -1.48
CA HIS A 398 -11.72 -1.63 -2.75
C HIS A 398 -12.57 -2.87 -2.62
N TRP A 399 -12.36 -3.56 -1.50
CA TRP A 399 -13.11 -4.72 -1.21
C TRP A 399 -14.59 -4.43 -1.18
N ASN A 400 -14.97 -3.37 -0.49
CA ASN A 400 -16.35 -2.94 -0.39
C ASN A 400 -16.94 -2.58 -1.74
N GLU A 401 -16.18 -1.79 -2.48
CA GLU A 401 -16.66 -1.36 -3.77
C GLU A 401 -16.85 -2.64 -4.62
N HIS A 403 -17.56 -5.64 -3.64
CA HIS A 403 -18.76 -6.30 -3.21
C HIS A 403 -20.04 -5.62 -3.64
N SER A 404 -20.04 -4.30 -3.81
CA SER A 404 -21.28 -3.65 -4.16
C SER A 404 -21.50 -3.60 -5.71
N ASP A 405 -20.53 -4.10 -6.47
CA ASP A 405 -20.53 -4.07 -7.95
C ASP A 405 -21.58 -5.03 -8.52
N PRO A 406 -22.37 -4.53 -9.50
CA PRO A 406 -23.27 -5.42 -10.23
C PRO A 406 -22.46 -6.41 -11.08
N LEU A 407 -21.33 -5.92 -11.61
CA LEU A 407 -20.40 -6.71 -12.44
C LEU A 407 -19.45 -7.69 -11.69
N ASN A 408 -19.59 -7.74 -10.35
CA ASN A 408 -18.82 -8.67 -9.52
C ASN A 408 -19.20 -10.13 -9.71
N ARG A 409 -18.16 -10.95 -9.84
CA ARG A 409 -18.24 -12.36 -10.11
C ARG A 409 -16.86 -12.98 -9.79
N ILE A 410 -16.82 -14.32 -9.69
CA ILE A 410 -15.57 -15.00 -9.31
C ILE A 410 -14.52 -14.95 -10.42
N GLY A 411 -13.25 -14.72 -10.09
CA GLY A 411 -12.21 -14.65 -11.12
C GLY A 411 -11.78 -16.03 -11.61
N ARG A 412 -11.59 -16.16 -12.92
CA ARG A 412 -11.08 -17.35 -13.52
C ARG A 412 -10.31 -16.90 -14.77
N PRO A 413 -9.07 -16.37 -14.58
CA PRO A 413 -8.13 -16.02 -15.64
C PRO A 413 -7.85 -17.26 -16.44
N ARG A 414 -7.26 -17.08 -17.62
CA ARG A 414 -6.91 -18.19 -18.47
C ARG A 414 -5.43 -18.45 -18.49
N GLN A 415 -5.05 -19.38 -19.32
CA GLN A 415 -3.68 -19.64 -19.53
C GLN A 415 -3.48 -19.88 -21.04
N LEU A 416 -2.21 -19.82 -21.46
CA LEU A 416 -1.81 -20.42 -22.72
C LEU A 416 -1.10 -21.73 -22.36
N TYR A 417 -1.62 -22.87 -22.86
CA TYR A 417 -1.04 -24.17 -22.53
C TYR A 417 0.17 -24.47 -23.39
N THR A 418 1.31 -24.76 -22.75
CA THR A 418 2.56 -25.03 -23.46
C THR A 418 3.13 -26.36 -23.11
N GLY A 419 2.31 -27.20 -22.52
CA GLY A 419 2.81 -28.43 -21.99
C GLY A 419 2.66 -29.57 -22.94
N GLU A 420 2.80 -30.75 -22.39
CA GLU A 420 2.72 -31.99 -23.13
C GLU A 420 1.34 -32.16 -23.81
N VAL A 421 1.33 -32.68 -25.04
CA VAL A 421 0.07 -33.12 -25.62
C VAL A 421 -0.42 -34.38 -24.91
N GLN A 422 -1.68 -34.75 -25.13
CA GLN A 422 -2.23 -35.95 -24.48
C GLN A 422 -1.32 -37.16 -24.70
N ARG A 423 -0.93 -37.85 -23.64
CA ARG A 423 -0.23 -39.12 -23.84
C ARG A 423 -0.83 -40.11 -22.87
N ASP A 424 -0.86 -41.37 -23.26
CA ASP A 424 -1.28 -42.46 -22.38
C ASP A 424 -0.41 -42.63 -21.16
N PHE A 425 -1.04 -42.89 -20.03
CA PHE A 425 -0.34 -43.24 -18.82
C PHE A 425 -0.32 -44.73 -18.70
N GLN A 426 0.84 -45.29 -18.40
CA GLN A 426 0.93 -46.72 -18.16
C GLN A 426 1.36 -46.93 -16.72
N PRO A 427 0.67 -47.84 -16.01
CA PRO A 427 0.95 -48.15 -14.59
C PRO A 427 2.42 -48.56 -14.37
N HIS A 429 3.85 -50.85 -12.68
CA HIS A 429 4.29 -52.23 -12.79
C HIS A 429 4.57 -52.61 -14.22
N GLU A 430 3.88 -51.97 -15.18
CA GLU A 430 4.07 -52.20 -16.60
C GLU A 430 5.26 -51.49 -17.26
N ARG A 431 5.92 -50.57 -16.56
CA ARG A 431 7.09 -49.90 -17.15
C ARG A 431 8.38 -50.76 -17.13
#